data_7YPD
#
_entry.id   7YPD
#
_cell.length_a   43.362
_cell.length_b   65.084
_cell.length_c   79.769
_cell.angle_alpha   90.000
_cell.angle_beta   99.834
_cell.angle_gamma   90.000
#
_symmetry.space_group_name_H-M   'P 1 21 1'
#
loop_
_entity.id
_entity.type
_entity.pdbx_description
1 polymer 'Carbonyl reductase'
2 non-polymer 'MAGNESIUM ION'
3 water water
#
_entity_poly.entity_id   1
_entity_poly.type   'polypeptide(L)'
_entity_poly.pdbx_seq_one_letter_code
;MTPSATVYVISGATRGIGFALTSLLAQRDNVLIFAGARDPAKALPLQALAAATGKVIPVKLESANEEDAAALAKLVKEKA
GKVDFLLANAGVCELNKPVLSTPSATFVDHFTVNTLGPLTLFQQFYSLLTESSSPRFFVTSSAGGSTTYVSMAPDMDLAP
AYGISKAAVNHLVAHIARKFGAKDGLVAAVVHPGLVATDMTRPFLEAAGLPADGGPGFEHISPDESAAALVKIFDEAKRE
THGGKFLSYDGTEIPW
;
_entity_poly.pdbx_strand_id   B,A
#
# COMPACT_ATOMS: atom_id res chain seq x y z
N SER A 4 28.23 22.39 11.04
CA SER A 4 29.16 21.28 10.95
C SER A 4 28.55 19.99 11.53
N ALA A 5 27.56 20.14 12.40
CA ALA A 5 26.94 18.97 13.01
C ALA A 5 26.15 18.18 11.97
N THR A 6 26.15 16.85 12.15
CA THR A 6 25.25 15.99 11.39
C THR A 6 23.83 16.16 11.93
N VAL A 7 22.89 16.50 11.07
CA VAL A 7 21.54 16.90 11.45
C VAL A 7 20.57 15.76 11.21
N TYR A 8 19.82 15.39 12.24
CA TYR A 8 18.80 14.35 12.19
C TYR A 8 17.45 14.99 12.45
N VAL A 9 16.45 14.54 11.71
CA VAL A 9 15.05 14.82 12.03
C VAL A 9 14.40 13.47 12.22
N ILE A 10 13.85 13.24 13.42
CA ILE A 10 13.31 11.94 13.78
C ILE A 10 11.86 12.10 14.20
N SER A 11 10.94 11.52 13.43
CA SER A 11 9.53 11.55 13.82
C SER A 11 9.24 10.37 14.75
N GLY A 12 8.18 10.51 15.54
CA GLY A 12 7.82 9.43 16.46
C GLY A 12 8.81 9.26 17.59
N ALA A 13 9.47 10.34 17.99
CA ALA A 13 10.60 10.26 18.91
C ALA A 13 10.19 10.14 20.38
N THR A 14 8.90 10.14 20.70
CA THR A 14 8.50 9.99 22.10
C THR A 14 8.42 8.55 22.56
N ARG A 15 8.40 7.58 21.65
CA ARG A 15 8.05 6.22 22.01
C ARG A 15 8.91 5.24 21.24
N GLY A 16 9.04 4.04 21.79
CA GLY A 16 9.57 2.90 21.05
C GLY A 16 10.88 3.17 20.35
N ILE A 17 10.95 2.78 19.08
N ILE A 17 10.93 2.79 19.07
CA ILE A 17 12.19 2.86 18.31
CA ILE A 17 12.17 2.89 18.29
C ILE A 17 12.60 4.30 18.02
C ILE A 17 12.60 4.33 18.12
N GLY A 18 11.65 5.22 17.82
CA GLY A 18 12.03 6.61 17.61
C GLY A 18 12.73 7.19 18.81
N PHE A 19 12.22 6.91 20.01
CA PHE A 19 12.90 7.39 21.20
C PHE A 19 14.26 6.72 21.37
N ALA A 20 14.35 5.43 21.11
CA ALA A 20 15.63 4.75 21.29
C ALA A 20 16.68 5.24 20.30
N LEU A 21 16.27 5.53 19.06
CA LEU A 21 17.20 6.13 18.10
C LEU A 21 17.67 7.49 18.59
N THR A 22 16.73 8.33 19.06
CA THR A 22 17.09 9.65 19.54
C THR A 22 18.06 9.54 20.69
N SER A 23 17.79 8.62 21.62
N SER A 23 17.79 8.62 21.62
CA SER A 23 18.64 8.48 22.80
CA SER A 23 18.65 8.49 22.79
C SER A 23 20.05 8.02 22.44
C SER A 23 20.05 8.03 22.42
N LEU A 24 20.17 7.07 21.51
CA LEU A 24 21.48 6.59 21.10
C LEU A 24 22.27 7.67 20.35
N LEU A 25 21.63 8.30 19.37
CA LEU A 25 22.34 9.30 18.58
C LEU A 25 22.71 10.53 19.41
N ALA A 26 21.91 10.84 20.44
CA ALA A 26 22.18 12.02 21.26
C ALA A 26 23.45 11.89 22.07
N GLN A 27 24.05 10.69 22.16
CA GLN A 27 25.31 10.51 22.84
C GLN A 27 26.51 10.83 21.96
N ARG A 28 26.30 11.11 20.68
CA ARG A 28 27.40 11.41 19.80
C ARG A 28 27.90 12.83 19.99
N ASP A 29 29.08 13.09 19.44
CA ASP A 29 29.84 14.29 19.74
C ASP A 29 29.34 15.51 18.97
N ASN A 30 29.09 15.36 17.66
CA ASN A 30 28.81 16.53 16.79
C ASN A 30 27.54 16.26 15.96
N VAL A 31 26.39 16.23 16.65
CA VAL A 31 25.11 15.94 16.02
C VAL A 31 24.10 16.95 16.56
N LEU A 32 23.01 17.10 15.82
CA LEU A 32 21.88 17.93 16.25
C LEU A 32 20.64 17.17 15.83
N ILE A 33 19.76 16.87 16.78
CA ILE A 33 18.62 15.99 16.53
C ILE A 33 17.34 16.75 16.83
N PHE A 34 16.49 16.91 15.81
CA PHE A 34 15.15 17.45 15.98
C PHE A 34 14.22 16.27 16.20
N ALA A 35 13.66 16.16 17.39
CA ALA A 35 12.96 14.96 17.84
C ALA A 35 11.48 15.29 17.90
N GLY A 36 10.68 14.68 17.02
CA GLY A 36 9.28 15.07 16.87
C GLY A 36 8.36 14.39 17.89
N ALA A 37 7.40 15.18 18.37
CA ALA A 37 6.38 14.71 19.30
C ALA A 37 5.08 15.40 18.92
N ARG A 38 3.96 14.70 19.14
CA ARG A 38 2.67 15.35 18.92
C ARG A 38 2.53 16.57 19.82
N ASP A 39 3.06 16.48 21.03
CA ASP A 39 3.00 17.60 21.98
C ASP A 39 4.31 17.63 22.75
N PRO A 40 5.31 18.35 22.23
CA PRO A 40 6.67 18.27 22.80
C PRO A 40 6.77 18.81 24.21
N ALA A 41 5.95 19.79 24.59
CA ALA A 41 6.02 20.32 25.94
C ALA A 41 5.72 19.24 26.99
N LYS A 42 4.91 18.25 26.66
CA LYS A 42 4.62 17.19 27.60
C LYS A 42 5.42 15.92 27.36
N ALA A 43 6.35 15.96 26.40
CA ALA A 43 7.26 14.83 26.14
C ALA A 43 8.45 14.90 27.08
N LEU A 44 8.17 14.59 28.35
CA LEU A 44 9.17 14.85 29.39
C LEU A 44 10.45 14.04 29.21
N PRO A 45 10.44 12.77 28.81
CA PRO A 45 11.72 12.09 28.57
C PRO A 45 12.55 12.73 27.47
N LEU A 46 11.90 13.31 26.43
CA LEU A 46 12.65 14.03 25.40
C LEU A 46 13.27 15.31 25.96
N GLN A 47 12.52 16.02 26.83
CA GLN A 47 13.09 17.22 27.47
C GLN A 47 14.29 16.85 28.33
N ALA A 48 14.21 15.71 29.02
CA ALA A 48 15.31 15.27 29.86
C ALA A 48 16.52 14.84 29.04
N LEU A 49 16.29 14.23 27.87
N LEU A 49 16.27 14.26 27.87
CA LEU A 49 17.40 13.90 26.99
CA LEU A 49 17.34 13.89 26.96
C LEU A 49 18.06 15.18 26.45
C LEU A 49 18.03 15.15 26.42
N ALA A 50 17.24 16.18 26.12
CA ALA A 50 17.80 17.45 25.70
C ALA A 50 18.70 18.02 26.78
N ALA A 51 18.24 17.99 28.03
CA ALA A 51 19.05 18.51 29.13
C ALA A 51 20.32 17.70 29.31
N ALA A 52 20.20 16.37 29.18
CA ALA A 52 21.34 15.51 29.50
C ALA A 52 22.45 15.61 28.47
N THR A 53 22.10 15.83 27.20
CA THR A 53 23.05 15.74 26.11
C THR A 53 23.34 17.06 25.42
N GLY A 54 22.38 17.98 25.41
CA GLY A 54 22.52 19.17 24.62
C GLY A 54 22.45 18.96 23.12
N LYS A 55 22.05 17.77 22.65
CA LYS A 55 22.04 17.46 21.23
C LYS A 55 20.64 17.30 20.66
N VAL A 56 19.60 17.47 21.48
CA VAL A 56 18.23 17.16 21.09
C VAL A 56 17.38 18.42 21.24
N ILE A 57 16.60 18.73 20.20
CA ILE A 57 15.59 19.78 20.24
C ILE A 57 14.24 19.08 20.09
N PRO A 58 13.44 18.96 21.15
CA PRO A 58 12.08 18.42 21.01
C PRO A 58 11.20 19.40 20.24
N VAL A 59 10.44 18.88 19.25
CA VAL A 59 9.69 19.73 18.32
C VAL A 59 8.32 19.13 18.07
N LYS A 60 7.39 19.99 17.64
CA LYS A 60 6.03 19.55 17.39
C LYS A 60 5.96 18.93 16.00
N LEU A 61 5.50 17.68 15.94
CA LEU A 61 5.42 16.98 14.65
C LEU A 61 4.34 15.91 14.80
N GLU A 62 3.12 16.23 14.36
CA GLU A 62 2.06 15.24 14.31
C GLU A 62 2.09 14.56 12.95
N SER A 63 1.78 13.25 12.93
CA SER A 63 1.85 12.48 11.70
C SER A 63 0.91 13.05 10.64
N ALA A 64 1.45 13.27 9.44
CA ALA A 64 0.72 13.70 8.26
C ALA A 64 0.17 15.12 8.38
N ASN A 65 0.63 15.87 9.38
CA ASN A 65 0.20 17.25 9.57
C ASN A 65 1.16 18.14 8.78
N GLU A 66 0.67 18.69 7.67
CA GLU A 66 1.53 19.46 6.77
C GLU A 66 2.00 20.75 7.41
N GLU A 67 1.16 21.37 8.25
CA GLU A 67 1.54 22.60 8.93
C GLU A 67 2.71 22.38 9.89
N ASP A 68 2.63 21.33 10.72
CA ASP A 68 3.72 21.02 11.65
C ASP A 68 5.02 20.74 10.90
N ALA A 69 4.93 19.99 9.80
CA ALA A 69 6.13 19.64 9.05
C ALA A 69 6.76 20.87 8.41
N ALA A 70 5.93 21.73 7.80
CA ALA A 70 6.45 22.96 7.21
C ALA A 70 7.06 23.87 8.27
N ALA A 71 6.43 23.99 9.43
CA ALA A 71 7.01 24.82 10.48
C ALA A 71 8.35 24.26 10.95
N LEU A 72 8.44 22.94 11.11
CA LEU A 72 9.71 22.38 11.55
C LEU A 72 10.80 22.58 10.51
N ALA A 73 10.47 22.43 9.22
CA ALA A 73 11.46 22.69 8.19
C ALA A 73 11.97 24.12 8.26
N LYS A 74 11.08 25.08 8.55
CA LYS A 74 11.51 26.47 8.69
C LYS A 74 12.47 26.62 9.87
N LEU A 75 12.15 26.00 11.00
CA LEU A 75 13.05 26.03 12.15
C LEU A 75 14.39 25.40 11.82
N VAL A 76 14.39 24.24 11.17
CA VAL A 76 15.64 23.56 10.88
C VAL A 76 16.47 24.38 9.90
N LYS A 77 15.81 24.98 8.90
CA LYS A 77 16.52 25.87 7.98
C LYS A 77 17.26 26.98 8.72
N GLU A 78 16.58 27.64 9.67
CA GLU A 78 17.22 28.73 10.40
C GLU A 78 18.34 28.22 11.30
N LYS A 79 18.13 27.08 11.96
CA LYS A 79 19.07 26.62 12.97
C LYS A 79 20.28 25.91 12.39
N ALA A 80 20.08 25.10 11.34
CA ALA A 80 21.11 24.20 10.86
C ALA A 80 21.34 24.33 9.36
N GLY A 81 20.30 24.66 8.61
CA GLY A 81 20.44 24.89 7.18
C GLY A 81 20.47 23.64 6.30
N LYS A 82 20.34 22.45 6.88
CA LYS A 82 20.36 21.21 6.11
C LYS A 82 19.80 20.11 7.01
N VAL A 83 19.43 19.00 6.38
CA VAL A 83 19.13 17.76 7.09
C VAL A 83 19.97 16.66 6.46
N ASP A 84 20.69 15.90 7.29
CA ASP A 84 21.50 14.81 6.77
C ASP A 84 20.76 13.48 6.85
N PHE A 85 20.02 13.25 7.92
CA PHE A 85 19.24 12.03 8.08
C PHE A 85 17.81 12.39 8.45
N LEU A 86 16.87 11.95 7.65
CA LEU A 86 15.45 12.08 7.91
C LEU A 86 14.96 10.68 8.27
N LEU A 87 14.60 10.47 9.54
CA LEU A 87 14.29 9.14 10.05
C LEU A 87 12.82 9.09 10.44
N ALA A 88 11.99 8.42 9.64
CA ALA A 88 10.54 8.38 9.84
C ALA A 88 10.19 7.20 10.74
N ASN A 89 9.73 7.51 11.96
CA ASN A 89 9.48 6.47 12.95
C ASN A 89 8.12 6.59 13.65
N ALA A 90 7.21 7.40 13.15
CA ALA A 90 5.90 7.61 13.76
C ALA A 90 4.94 6.67 13.04
N GLY A 91 4.63 5.54 13.70
CA GLY A 91 3.74 4.55 13.13
C GLY A 91 2.52 4.34 13.99
N VAL A 92 1.60 3.56 13.44
CA VAL A 92 0.45 3.04 14.18
C VAL A 92 0.27 1.60 13.75
N CYS A 93 -0.06 0.74 14.70
CA CYS A 93 -0.37 -0.65 14.41
C CYS A 93 -1.45 -1.05 15.41
N GLU A 94 -2.71 -0.98 14.95
CA GLU A 94 -3.84 -1.40 15.78
C GLU A 94 -4.04 -2.91 15.70
N LEU A 95 -4.25 -3.52 16.85
CA LEU A 95 -4.33 -4.97 16.95
C LEU A 95 -5.70 -5.47 16.53
N ASN A 96 -5.71 -6.71 16.02
CA ASN A 96 -6.91 -7.49 15.79
C ASN A 96 -7.92 -6.75 14.90
N LYS A 97 -7.53 -6.61 13.63
CA LYS A 97 -8.35 -5.92 12.64
C LYS A 97 -8.62 -6.86 11.47
N PRO A 98 -9.45 -7.89 11.66
CA PRO A 98 -9.77 -8.81 10.56
C PRO A 98 -10.42 -8.04 9.40
N VAL A 99 -10.09 -8.50 8.18
N VAL A 99 -10.12 -8.49 8.18
CA VAL A 99 -10.49 -7.82 6.96
CA VAL A 99 -10.51 -7.74 6.98
C VAL A 99 -12.00 -7.61 6.89
C VAL A 99 -12.03 -7.61 6.86
N LEU A 100 -12.79 -8.64 7.22
CA LEU A 100 -14.23 -8.58 6.95
C LEU A 100 -14.99 -7.69 7.93
N SER A 101 -14.51 -7.55 9.15
CA SER A 101 -15.24 -6.83 10.19
C SER A 101 -14.52 -5.55 10.63
N THR A 102 -13.65 -5.01 9.78
CA THR A 102 -12.97 -3.77 10.06
C THR A 102 -13.39 -2.71 9.06
N PRO A 103 -13.86 -1.55 9.51
CA PRO A 103 -14.32 -0.53 8.58
C PRO A 103 -13.18 0.09 7.78
N SER A 104 -13.54 0.63 6.62
N SER A 104 -13.53 0.64 6.62
CA SER A 104 -12.58 1.28 5.74
CA SER A 104 -12.54 1.26 5.75
C SER A 104 -11.78 2.34 6.48
C SER A 104 -11.78 2.38 6.45
N ALA A 105 -12.41 3.07 7.39
CA ALA A 105 -11.75 4.16 8.11
C ALA A 105 -10.49 3.69 8.82
N THR A 106 -10.49 2.46 9.32
CA THR A 106 -9.29 1.96 9.99
C THR A 106 -8.15 1.80 8.99
N PHE A 107 -8.47 1.34 7.78
CA PHE A 107 -7.47 1.24 6.72
C PHE A 107 -6.93 2.62 6.35
N VAL A 108 -7.83 3.60 6.21
CA VAL A 108 -7.41 4.98 5.91
C VAL A 108 -6.51 5.51 7.01
N ASP A 109 -6.88 5.26 8.27
CA ASP A 109 -6.07 5.80 9.37
C ASP A 109 -4.65 5.24 9.34
N HIS A 110 -4.51 3.94 9.06
CA HIS A 110 -3.15 3.37 8.97
C HIS A 110 -2.42 3.93 7.76
N PHE A 111 -3.13 4.13 6.65
CA PHE A 111 -2.49 4.73 5.48
C PHE A 111 -2.05 6.16 5.78
N THR A 112 -2.87 6.92 6.51
CA THR A 112 -2.53 8.31 6.78
C THR A 112 -1.26 8.40 7.63
N VAL A 113 -1.20 7.63 8.72
CA VAL A 113 -0.05 7.72 9.61
C VAL A 113 1.17 7.06 8.97
N ASN A 114 1.02 5.83 8.46
CA ASN A 114 2.19 5.05 8.08
C ASN A 114 2.69 5.36 6.68
N THR A 115 1.83 5.90 5.82
CA THR A 115 2.21 6.21 4.44
C THR A 115 2.28 7.71 4.20
N LEU A 116 1.21 8.43 4.56
CA LEU A 116 1.20 9.87 4.33
C LEU A 116 2.08 10.63 5.32
N GLY A 117 2.36 10.07 6.50
CA GLY A 117 3.26 10.71 7.42
C GLY A 117 4.66 10.85 6.82
N PRO A 118 5.27 9.72 6.42
CA PRO A 118 6.56 9.82 5.71
C PRO A 118 6.50 10.64 4.44
N LEU A 119 5.40 10.55 3.67
CA LEU A 119 5.29 11.39 2.49
C LEU A 119 5.40 12.86 2.83
N THR A 120 4.65 13.29 3.85
CA THR A 120 4.64 14.70 4.22
C THR A 120 6.03 15.14 4.69
N LEU A 121 6.73 14.28 5.42
CA LEU A 121 8.07 14.64 5.87
C LEU A 121 9.00 14.80 4.69
N PHE A 122 8.97 13.86 3.75
CA PHE A 122 9.86 13.99 2.62
C PHE A 122 9.55 15.25 1.83
N GLN A 123 8.26 15.51 1.60
CA GLN A 123 7.89 16.67 0.80
C GLN A 123 8.35 17.96 1.45
N GLN A 124 8.16 18.09 2.76
CA GLN A 124 8.53 19.35 3.41
C GLN A 124 10.01 19.49 3.69
N PHE A 125 10.77 18.39 3.75
CA PHE A 125 12.18 18.43 4.09
C PHE A 125 13.08 18.23 2.89
N TYR A 126 12.52 18.00 1.70
CA TYR A 126 13.36 17.71 0.54
C TYR A 126 14.43 18.79 0.31
N SER A 127 14.02 20.07 0.34
N SER A 127 14.02 20.06 0.32
CA SER A 127 14.99 21.12 0.08
CA SER A 127 14.97 21.13 0.08
C SER A 127 16.14 21.09 1.07
C SER A 127 16.14 21.06 1.07
N LEU A 128 15.85 20.82 2.35
CA LEU A 128 16.93 20.69 3.33
C LEU A 128 17.80 19.47 3.09
N LEU A 129 17.22 18.37 2.60
CA LEU A 129 18.04 17.21 2.28
C LEU A 129 19.01 17.52 1.15
N THR A 130 18.58 18.33 0.18
CA THR A 130 19.47 18.67 -0.93
C THR A 130 20.65 19.53 -0.49
N GLU A 131 20.59 20.15 0.70
CA GLU A 131 21.72 20.90 1.20
C GLU A 131 22.77 20.02 1.87
N SER A 132 22.45 18.74 2.10
CA SER A 132 23.42 17.81 2.63
C SER A 132 24.30 17.26 1.51
N SER A 133 25.57 17.00 1.83
CA SER A 133 26.44 16.33 0.87
C SER A 133 26.06 14.86 0.69
N SER A 134 25.41 14.26 1.69
CA SER A 134 25.05 12.83 1.65
C SER A 134 23.72 12.62 2.35
N PRO A 135 22.61 13.03 1.73
CA PRO A 135 21.32 12.94 2.42
C PRO A 135 20.81 11.51 2.49
N ARG A 136 20.09 11.23 3.58
CA ARG A 136 19.52 9.91 3.82
C ARG A 136 18.09 10.08 4.29
N PHE A 137 17.20 9.21 3.79
CA PHE A 137 15.81 9.14 4.22
C PHE A 137 15.52 7.69 4.49
N PHE A 138 15.30 7.34 5.75
CA PHE A 138 15.00 5.97 6.15
C PHE A 138 13.64 5.95 6.80
N VAL A 139 12.76 5.12 6.29
CA VAL A 139 11.45 4.90 6.89
C VAL A 139 11.50 3.57 7.61
N THR A 140 11.18 3.57 8.90
CA THR A 140 11.07 2.31 9.61
C THR A 140 9.75 1.66 9.21
N SER A 141 9.85 0.53 8.51
CA SER A 141 8.68 -0.12 7.97
C SER A 141 8.49 -1.39 8.79
N SER A 142 8.13 -2.49 8.15
CA SER A 142 7.91 -3.73 8.88
C SER A 142 7.97 -4.85 7.87
N ALA A 143 8.57 -5.98 8.27
CA ALA A 143 8.44 -7.18 7.46
C ALA A 143 7.00 -7.55 7.23
N GLY A 144 6.09 -7.10 8.10
CA GLY A 144 4.67 -7.29 7.84
C GLY A 144 4.18 -6.59 6.59
N GLY A 145 4.92 -5.62 6.07
CA GLY A 145 4.55 -4.96 4.85
C GLY A 145 5.06 -5.63 3.61
N SER A 146 5.83 -6.71 3.76
CA SER A 146 6.29 -7.47 2.61
C SER A 146 5.15 -8.33 2.07
N THR A 147 4.77 -8.08 0.82
CA THR A 147 3.72 -8.90 0.22
C THR A 147 4.24 -10.32 -0.07
N THR A 148 5.51 -10.45 -0.48
CA THR A 148 6.10 -11.76 -0.65
C THR A 148 6.00 -12.59 0.62
N TYR A 149 6.22 -11.97 1.79
CA TYR A 149 6.17 -12.72 3.04
C TYR A 149 4.76 -13.09 3.48
N VAL A 150 3.72 -12.52 2.88
CA VAL A 150 2.37 -12.91 3.30
C VAL A 150 2.16 -14.41 3.16
N SER A 151 2.60 -15.01 2.05
CA SER A 151 2.48 -16.46 1.86
C SER A 151 3.53 -17.24 2.62
N MET A 152 4.38 -16.56 3.39
CA MET A 152 5.45 -17.19 4.15
C MET A 152 5.31 -16.95 5.64
N ALA A 153 4.16 -16.44 6.08
CA ALA A 153 3.96 -16.05 7.47
C ALA A 153 2.50 -16.29 7.82
N PRO A 154 2.19 -16.49 9.09
CA PRO A 154 0.79 -16.72 9.48
C PRO A 154 0.03 -15.40 9.64
N ASP A 155 -1.28 -15.49 9.47
CA ASP A 155 -2.15 -14.32 9.64
C ASP A 155 -2.17 -13.88 11.10
N MET A 156 -1.96 -12.58 11.32
CA MET A 156 -1.99 -11.95 12.64
C MET A 156 -3.11 -10.93 12.81
N ASP A 157 -4.09 -10.89 11.88
CA ASP A 157 -5.15 -9.88 11.86
C ASP A 157 -4.62 -8.46 11.79
N LEU A 158 -3.54 -8.26 11.04
CA LEU A 158 -2.90 -6.95 10.92
C LEU A 158 -2.94 -6.40 9.50
N ALA A 159 -3.99 -6.69 8.75
CA ALA A 159 -4.06 -6.20 7.36
C ALA A 159 -3.96 -4.68 7.22
N PRO A 160 -4.67 -3.85 8.01
CA PRO A 160 -4.51 -2.39 7.82
C PRO A 160 -3.06 -1.95 7.94
N TYR A 162 -2.35 -2.54 8.91
CA TYR A 162 -0.95 -2.21 9.11
C TYR A 162 -0.11 -2.66 7.92
N GLY A 163 -0.24 -3.94 7.53
CA GLY A 163 0.57 -4.46 6.46
C GLY A 163 0.33 -3.72 5.15
N ILE A 164 -0.93 -3.42 4.86
CA ILE A 164 -1.26 -2.70 3.63
C ILE A 164 -0.60 -1.32 3.62
N SER A 165 -0.67 -0.61 4.75
CA SER A 165 -0.08 0.72 4.81
C SER A 165 1.45 0.67 4.72
N LYS A 166 2.07 -0.40 5.17
CA LYS A 166 3.51 -0.52 5.06
C LYS A 166 3.93 -0.93 3.64
N ALA A 167 3.15 -1.81 3.00
CA ALA A 167 3.41 -2.09 1.59
C ALA A 167 3.32 -0.81 0.77
N ALA A 168 2.36 0.05 1.11
CA ALA A 168 2.22 1.32 0.39
C ALA A 168 3.42 2.22 0.61
N VAL A 169 3.88 2.36 1.87
CA VAL A 169 5.02 3.24 2.12
C VAL A 169 6.28 2.67 1.47
N ASN A 170 6.42 1.36 1.43
CA ASN A 170 7.56 0.75 0.75
C ASN A 170 7.58 1.14 -0.72
N HIS A 171 6.41 1.12 -1.36
CA HIS A 171 6.33 1.51 -2.77
C HIS A 171 6.67 2.98 -2.93
N LEU A 172 6.16 3.82 -2.02
CA LEU A 172 6.49 5.25 -2.06
C LEU A 172 8.00 5.48 -2.00
N VAL A 173 8.67 4.80 -1.07
CA VAL A 173 10.11 5.00 -0.94
C VAL A 173 10.85 4.54 -2.20
N ALA A 174 10.36 3.47 -2.83
CA ALA A 174 10.97 3.08 -4.09
C ALA A 174 10.85 4.18 -5.13
N HIS A 175 9.70 4.85 -5.16
CA HIS A 175 9.55 5.96 -6.10
C HIS A 175 10.50 7.11 -5.76
N ILE A 176 10.67 7.40 -4.46
CA ILE A 176 11.60 8.47 -4.07
C ILE A 176 13.03 8.14 -4.47
N ALA A 177 13.48 6.91 -4.22
CA ALA A 177 14.82 6.51 -4.61
C ALA A 177 15.01 6.61 -6.12
N ARG A 178 14.03 6.16 -6.90
CA ARG A 178 14.18 6.27 -8.36
C ARG A 178 14.29 7.72 -8.80
N LYS A 179 13.45 8.58 -8.25
CA LYS A 179 13.44 9.95 -8.74
C LYS A 179 14.67 10.73 -8.29
N PHE A 180 15.09 10.57 -7.02
CA PHE A 180 16.08 11.47 -6.43
C PHE A 180 17.39 10.82 -6.04
N GLY A 181 17.49 9.49 -6.06
CA GLY A 181 18.68 8.82 -5.59
C GLY A 181 19.94 9.31 -6.29
N ALA A 182 20.02 9.07 -7.59
CA ALA A 182 21.20 9.48 -8.37
C ALA A 182 21.36 11.00 -8.41
N LYS A 183 20.25 11.72 -8.57
CA LYS A 183 20.29 13.17 -8.72
C LYS A 183 20.90 13.86 -7.51
N ASP A 184 20.50 13.45 -6.31
CA ASP A 184 20.89 14.12 -5.09
C ASP A 184 21.89 13.36 -4.24
N GLY A 185 22.32 12.17 -4.68
CA GLY A 185 23.09 11.30 -3.83
C GLY A 185 22.30 10.84 -2.61
N LEU A 186 21.00 10.75 -2.74
CA LEU A 186 20.12 10.39 -1.64
C LEU A 186 20.04 8.88 -1.51
N VAL A 187 20.17 8.38 -0.29
CA VAL A 187 19.77 7.00 0.03
C VAL A 187 18.38 7.09 0.60
N ALA A 188 17.40 6.53 -0.10
CA ALA A 188 16.03 6.41 0.40
C ALA A 188 15.74 4.93 0.52
N ALA A 189 15.43 4.48 1.73
CA ALA A 189 15.26 3.05 1.96
C ALA A 189 14.28 2.84 3.11
N VAL A 190 13.75 1.62 3.17
CA VAL A 190 12.91 1.21 4.30
C VAL A 190 13.68 0.15 5.10
N VAL A 191 13.40 0.09 6.40
N VAL A 191 13.46 0.14 6.41
CA VAL A 191 14.14 -0.80 7.28
CA VAL A 191 14.12 -0.84 7.27
C VAL A 191 13.20 -1.49 8.26
C VAL A 191 13.09 -1.53 8.13
N HIS A 192 13.30 -2.83 8.34
CA HIS A 192 12.54 -3.60 9.31
C HIS A 192 13.30 -3.59 10.64
N PRO A 193 12.68 -3.15 11.73
CA PRO A 193 13.42 -2.97 12.99
C PRO A 193 13.45 -4.20 13.86
N GLY A 194 12.79 -5.26 13.45
CA GLY A 194 12.55 -6.41 14.30
C GLY A 194 11.23 -6.30 15.02
N LEU A 195 11.00 -7.25 15.92
CA LEU A 195 9.79 -7.29 16.75
C LEU A 195 10.13 -6.60 18.07
N VAL A 196 9.73 -5.35 18.21
CA VAL A 196 10.21 -4.48 19.27
C VAL A 196 9.31 -4.56 20.50
N ALA A 197 9.91 -4.74 21.68
CA ALA A 197 9.17 -4.79 22.95
C ALA A 197 10.12 -4.63 24.13
N THR A 198 9.55 -4.26 25.30
CA THR A 198 10.29 -4.11 26.55
C THR A 198 9.78 -4.96 27.72
N ASP A 199 8.48 -5.21 27.84
CA ASP A 199 8.00 -5.96 29.01
C ASP A 199 7.96 -7.48 28.85
N THR A 201 5.70 -2.89 26.85
CA THR A 201 5.57 -3.03 25.41
C THR A 201 5.23 -4.46 24.99
N ARG A 202 5.78 -5.46 25.69
CA ARG A 202 5.62 -6.84 25.25
C ARG A 202 4.17 -7.34 25.21
N PRO A 203 3.30 -7.05 26.18
CA PRO A 203 1.92 -7.56 26.07
C PRO A 203 1.23 -7.14 24.79
N PHE A 204 1.68 -6.06 24.15
CA PHE A 204 1.16 -5.68 22.84
C PHE A 204 1.49 -6.74 21.78
N LEU A 205 2.75 -7.13 21.69
CA LEU A 205 3.12 -8.21 20.77
C LEU A 205 2.47 -9.52 21.17
N GLU A 206 2.34 -9.76 22.48
CA GLU A 206 1.69 -10.97 22.96
C GLU A 206 0.21 -10.98 22.57
N ALA A 207 -0.48 -9.83 22.72
CA ALA A 207 -1.87 -9.75 22.31
C ALA A 207 -2.02 -9.83 20.79
N ALA A 208 -0.95 -9.56 20.04
CA ALA A 208 -0.99 -9.70 18.59
C ALA A 208 -0.90 -11.15 18.14
N GLY A 209 -0.38 -12.04 18.97
CA GLY A 209 -0.07 -13.38 18.58
C GLY A 209 1.37 -13.64 18.24
N LEU A 210 2.31 -12.87 18.81
CA LEU A 210 3.73 -13.04 18.53
C LEU A 210 4.52 -13.30 19.82
N GLU A 219 13.22 -13.75 19.11
CA GLU A 219 12.53 -13.04 18.05
C GLU A 219 12.06 -11.67 18.51
N HIS A 220 12.01 -11.47 19.82
CA HIS A 220 11.77 -10.13 20.38
C HIS A 220 13.09 -9.44 20.58
N ILE A 221 13.11 -8.14 20.30
CA ILE A 221 14.31 -7.31 20.45
C ILE A 221 13.86 -6.04 21.16
N SER A 222 14.72 -5.52 22.03
CA SER A 222 14.34 -4.30 22.73
C SER A 222 14.49 -3.09 21.80
N PRO A 223 13.80 -1.98 22.10
CA PRO A 223 14.03 -0.75 21.32
C PRO A 223 15.48 -0.34 21.29
N ASP A 224 16.21 -0.49 22.39
CA ASP A 224 17.62 -0.10 22.40
C ASP A 224 18.45 -1.01 21.51
N GLU A 225 18.16 -2.31 21.52
CA GLU A 225 18.89 -3.24 20.67
C GLU A 225 18.58 -2.99 19.20
N SER A 226 17.31 -2.72 18.90
CA SER A 226 16.94 -2.39 17.53
C SER A 226 17.60 -1.10 17.07
N ALA A 227 17.58 -0.08 17.92
CA ALA A 227 18.23 1.19 17.56
C ALA A 227 19.71 1.01 17.31
N ALA A 228 20.37 0.18 18.10
CA ALA A 228 21.79 -0.05 17.89
C ALA A 228 22.03 -0.66 16.52
N ALA A 229 21.19 -1.61 16.10
CA ALA A 229 21.38 -2.23 14.80
C ALA A 229 21.03 -1.25 13.68
N LEU A 230 19.97 -0.47 13.85
CA LEU A 230 19.54 0.43 12.78
C LEU A 230 20.55 1.54 12.55
N VAL A 231 21.12 2.12 13.61
N VAL A 231 21.12 2.09 13.62
CA VAL A 231 22.07 3.20 13.37
CA VAL A 231 22.08 3.17 13.48
C VAL A 231 23.31 2.71 12.64
C VAL A 231 23.30 2.71 12.70
N LYS A 232 23.71 1.46 12.87
CA LYS A 232 24.83 0.91 12.11
C LYS A 232 24.52 0.88 10.62
N ILE A 233 23.29 0.49 10.26
CA ILE A 233 22.87 0.52 8.86
C ILE A 233 22.87 1.95 8.33
N PHE A 234 22.30 2.88 9.10
CA PHE A 234 22.21 4.27 8.64
C PHE A 234 23.60 4.84 8.42
N ASP A 235 24.53 4.53 9.33
CA ASP A 235 25.89 5.08 9.26
C ASP A 235 26.64 4.56 8.04
N GLU A 236 26.48 3.28 7.72
CA GLU A 236 27.24 2.67 6.62
C GLU A 236 26.56 2.79 5.26
N ALA A 237 25.33 3.28 5.20
CA ALA A 237 24.57 3.23 3.96
C ALA A 237 25.25 4.03 2.85
N LYS A 238 25.25 3.44 1.66
CA LYS A 238 25.67 4.09 0.43
C LYS A 238 24.62 3.76 -0.63
N ARG A 239 24.50 4.62 -1.64
CA ARG A 239 23.43 4.42 -2.60
C ARG A 239 23.50 3.08 -3.32
N GLU A 240 24.71 2.66 -3.76
CA GLU A 240 24.73 1.45 -4.57
C GLU A 240 24.29 0.20 -3.81
N THR A 241 24.54 0.15 -2.50
CA THR A 241 24.19 -1.03 -1.71
C THR A 241 22.91 -0.88 -0.90
N HIS A 242 22.42 0.36 -0.72
CA HIS A 242 21.29 0.61 0.16
C HIS A 242 20.15 1.39 -0.48
N GLY A 243 20.41 2.10 -1.58
CA GLY A 243 19.39 2.98 -2.13
C GLY A 243 18.23 2.18 -2.69
N GLY A 244 17.01 2.56 -2.31
CA GLY A 244 15.83 1.88 -2.81
C GLY A 244 15.64 0.48 -2.30
N LYS A 245 16.30 0.11 -1.20
CA LYS A 245 16.23 -1.26 -0.71
C LYS A 245 15.31 -1.37 0.50
N PHE A 246 14.89 -2.61 0.76
CA PHE A 246 14.15 -3.00 1.96
C PHE A 246 15.15 -3.76 2.82
N LEU A 247 15.65 -3.11 3.86
CA LEU A 247 16.73 -3.63 4.69
C LEU A 247 16.13 -4.18 5.99
N SER A 248 16.82 -5.12 6.60
CA SER A 248 16.44 -5.59 7.92
C SER A 248 17.54 -5.21 8.90
N TYR A 249 17.15 -5.02 10.17
CA TYR A 249 18.11 -4.76 11.24
C TYR A 249 19.20 -5.83 11.32
N ASP A 250 18.94 -7.03 10.82
CA ASP A 250 19.89 -8.14 10.90
C ASP A 250 20.81 -8.23 9.70
N GLY A 251 20.79 -7.23 8.83
CA GLY A 251 21.69 -7.17 7.69
C GLY A 251 21.14 -7.76 6.41
N THR A 252 20.04 -8.50 6.45
CA THR A 252 19.51 -9.12 5.25
C THR A 252 18.56 -8.17 4.52
N GLU A 253 18.30 -8.52 3.26
CA GLU A 253 17.35 -7.79 2.42
C GLU A 253 16.04 -8.54 2.45
N ILE A 254 14.93 -7.81 2.52
CA ILE A 254 13.59 -8.39 2.59
C ILE A 254 12.93 -8.21 1.23
N PRO A 255 12.32 -9.26 0.67
CA PRO A 255 11.59 -9.09 -0.59
C PRO A 255 10.37 -8.20 -0.40
N TRP A 256 9.98 -7.50 -1.45
CA TRP A 256 8.84 -6.59 -1.35
C TRP A 256 7.50 -7.27 -1.14
N SER B 4 -27.18 -24.12 -12.36
CA SER B 4 -27.57 -22.91 -13.08
C SER B 4 -26.36 -22.07 -13.52
N ALA B 5 -26.60 -20.80 -13.79
CA ALA B 5 -25.60 -19.98 -14.48
C ALA B 5 -24.42 -19.66 -13.58
N THR B 6 -23.24 -19.55 -14.19
CA THR B 6 -22.08 -18.98 -13.51
C THR B 6 -22.25 -17.48 -13.40
N VAL B 7 -22.15 -16.96 -12.18
CA VAL B 7 -22.48 -15.57 -11.89
C VAL B 7 -21.19 -14.76 -11.75
N TYR B 8 -21.09 -13.69 -12.52
CA TYR B 8 -19.98 -12.75 -12.48
C TYR B 8 -20.48 -11.42 -11.97
N VAL B 9 -19.69 -10.79 -11.10
CA VAL B 9 -19.90 -9.41 -10.71
C VAL B 9 -18.62 -8.67 -11.10
N ILE B 10 -18.76 -7.67 -11.98
CA ILE B 10 -17.62 -6.99 -12.59
C ILE B 10 -17.73 -5.50 -12.28
N SER B 11 -16.83 -4.98 -11.44
CA SER B 11 -16.74 -3.54 -11.26
C SER B 11 -15.90 -2.95 -12.40
N GLY B 12 -16.21 -1.71 -12.76
CA GLY B 12 -15.48 -1.08 -13.86
C GLY B 12 -15.70 -1.79 -15.17
N ALA B 13 -16.94 -2.22 -15.45
CA ALA B 13 -17.21 -3.02 -16.61
C ALA B 13 -17.14 -2.24 -17.91
N THR B 14 -16.99 -0.92 -17.84
CA THR B 14 -16.82 -0.11 -19.03
C THR B 14 -15.43 0.48 -19.16
N ARG B 15 -14.52 0.18 -18.22
CA ARG B 15 -13.23 0.84 -18.11
C ARG B 15 -12.09 -0.11 -18.45
N GLY B 16 -11.13 0.38 -19.24
CA GLY B 16 -9.96 -0.42 -19.55
C GLY B 16 -10.35 -1.74 -20.20
N ILE B 17 -9.96 -2.85 -19.57
CA ILE B 17 -10.27 -4.19 -20.06
C ILE B 17 -11.65 -4.68 -19.67
N GLY B 18 -12.37 -3.93 -18.84
CA GLY B 18 -13.66 -4.40 -18.34
C GLY B 18 -14.69 -4.63 -19.43
N PHE B 19 -14.71 -3.76 -20.45
CA PHE B 19 -15.71 -3.92 -21.49
C PHE B 19 -15.41 -5.10 -22.41
N ALA B 20 -14.15 -5.26 -22.82
CA ALA B 20 -13.79 -6.44 -23.60
C ALA B 20 -14.06 -7.70 -22.82
N LEU B 21 -13.80 -7.69 -21.51
CA LEU B 21 -14.08 -8.83 -20.66
C LEU B 21 -15.58 -9.12 -20.58
N THR B 22 -16.38 -8.09 -20.28
CA THR B 22 -17.82 -8.27 -20.20
C THR B 22 -18.38 -8.77 -21.52
N SER B 23 -17.88 -8.21 -22.64
N SER B 23 -17.89 -8.22 -22.64
CA SER B 23 -18.36 -8.63 -23.95
CA SER B 23 -18.37 -8.64 -23.94
C SER B 23 -18.03 -10.10 -24.23
C SER B 23 -18.03 -10.10 -24.23
N LEU B 24 -16.80 -10.52 -23.90
CA LEU B 24 -16.41 -11.91 -24.13
C LEU B 24 -17.23 -12.86 -23.28
N LEU B 25 -17.33 -12.59 -21.97
CA LEU B 25 -18.07 -13.49 -21.09
C LEU B 25 -19.55 -13.53 -21.45
N ALA B 26 -20.10 -12.39 -21.88
CA ALA B 26 -21.53 -12.30 -22.19
C ALA B 26 -21.93 -13.17 -23.36
N GLN B 27 -20.96 -13.58 -24.18
CA GLN B 27 -21.30 -14.40 -25.33
C GLN B 27 -21.12 -15.89 -25.05
N ARG B 28 -20.86 -16.26 -23.80
CA ARG B 28 -20.78 -17.64 -23.38
C ARG B 28 -22.15 -18.19 -23.01
N ASP B 29 -22.21 -19.51 -22.92
CA ASP B 29 -23.39 -20.20 -22.43
C ASP B 29 -23.44 -20.13 -20.91
N ASN B 30 -24.66 -20.00 -20.39
CA ASN B 30 -24.96 -20.24 -18.98
C ASN B 30 -24.15 -19.34 -18.06
N VAL B 31 -24.21 -18.03 -18.33
CA VAL B 31 -23.60 -17.04 -17.47
C VAL B 31 -24.61 -15.96 -17.16
N LEU B 32 -24.38 -15.25 -16.06
CA LEU B 32 -25.14 -14.06 -15.72
C LEU B 32 -24.13 -13.05 -15.21
N ILE B 33 -24.10 -11.87 -15.82
CA ILE B 33 -23.05 -10.88 -15.57
C ILE B 33 -23.66 -9.60 -15.05
N PHE B 34 -23.34 -9.25 -13.81
CA PHE B 34 -23.70 -7.94 -13.26
C PHE B 34 -22.54 -7.01 -13.56
N ALA B 35 -22.77 -6.06 -14.47
CA ALA B 35 -21.73 -5.22 -15.04
C ALA B 35 -21.83 -3.84 -14.41
N GLY B 36 -20.87 -3.50 -13.55
CA GLY B 36 -20.95 -2.27 -12.76
C GLY B 36 -20.43 -1.07 -13.54
N ALA B 37 -21.10 0.06 -13.33
CA ALA B 37 -20.65 1.34 -13.85
C ALA B 37 -20.94 2.41 -12.81
N ARG B 38 -20.06 3.42 -12.77
CA ARG B 38 -20.30 4.57 -11.90
C ARG B 38 -21.65 5.20 -12.18
N ASP B 39 -22.01 5.32 -13.45
CA ASP B 39 -23.30 5.88 -13.86
C ASP B 39 -23.84 5.09 -15.03
N PRO B 40 -24.67 4.08 -14.77
CA PRO B 40 -25.17 3.23 -15.87
C PRO B 40 -25.93 4.01 -16.94
N ALA B 41 -26.57 5.11 -16.56
CA ALA B 41 -27.28 5.94 -17.53
C ALA B 41 -26.35 6.57 -18.56
N LYS B 42 -25.06 6.70 -18.23
CA LYS B 42 -24.06 7.28 -19.13
C LYS B 42 -23.35 6.23 -19.97
N ALA B 43 -23.63 4.95 -19.75
CA ALA B 43 -22.86 3.86 -20.36
C ALA B 43 -23.68 3.20 -21.46
N LEU B 44 -23.92 3.97 -22.53
CA LEU B 44 -24.71 3.46 -23.65
C LEU B 44 -24.15 2.21 -24.33
N PRO B 45 -22.85 2.11 -24.63
CA PRO B 45 -22.36 0.85 -25.22
C PRO B 45 -22.55 -0.37 -24.33
N LEU B 46 -22.53 -0.17 -23.00
CA LEU B 46 -22.86 -1.26 -22.10
C LEU B 46 -24.33 -1.64 -22.22
N GLN B 47 -25.21 -0.66 -22.39
CA GLN B 47 -26.62 -1.00 -22.56
C GLN B 47 -26.84 -1.73 -23.88
N ALA B 48 -26.09 -1.36 -24.92
CA ALA B 48 -26.21 -2.04 -26.21
C ALA B 48 -25.76 -3.50 -26.10
N LEU B 49 -24.71 -3.76 -25.32
CA LEU B 49 -24.29 -5.14 -25.13
C LEU B 49 -25.35 -5.94 -24.37
N ALA B 50 -25.95 -5.32 -23.35
CA ALA B 50 -27.03 -5.99 -22.63
C ALA B 50 -28.22 -6.29 -23.54
N ALA B 51 -28.55 -5.35 -24.43
CA ALA B 51 -29.62 -5.58 -25.39
C ALA B 51 -29.31 -6.75 -26.31
N ALA B 52 -28.05 -6.90 -26.71
CA ALA B 52 -27.70 -7.90 -27.70
C ALA B 52 -27.59 -9.32 -27.13
N THR B 53 -27.14 -9.47 -25.88
CA THR B 53 -26.79 -10.80 -25.38
C THR B 53 -27.79 -11.39 -24.42
N GLY B 54 -28.53 -10.56 -23.70
CA GLY B 54 -29.43 -11.05 -22.69
C GLY B 54 -28.75 -11.61 -21.46
N LYS B 55 -27.43 -11.49 -21.35
CA LYS B 55 -26.69 -12.07 -20.23
C LYS B 55 -26.07 -11.01 -19.33
N VAL B 56 -26.25 -9.74 -19.65
CA VAL B 56 -25.62 -8.64 -18.93
C VAL B 56 -26.69 -7.80 -18.26
N ILE B 57 -26.51 -7.56 -16.98
CA ILE B 57 -27.34 -6.66 -16.18
C ILE B 57 -26.49 -5.46 -15.80
N PRO B 58 -26.69 -4.30 -16.43
CA PRO B 58 -25.94 -3.10 -16.03
C PRO B 58 -26.41 -2.64 -14.65
N VAL B 59 -25.46 -2.33 -13.77
CA VAL B 59 -25.79 -1.96 -12.40
C VAL B 59 -24.92 -0.80 -11.94
N LYS B 60 -25.42 -0.07 -10.95
CA LYS B 60 -24.71 1.08 -10.40
C LYS B 60 -23.71 0.62 -9.36
N LEU B 61 -22.45 0.98 -9.58
CA LEU B 61 -21.40 0.57 -8.65
C LEU B 61 -20.33 1.65 -8.68
N GLU B 62 -20.39 2.56 -7.73
CA GLU B 62 -19.33 3.53 -7.53
C GLU B 62 -18.29 2.94 -6.58
N SER B 63 -17.01 3.14 -6.91
CA SER B 63 -15.93 2.55 -6.14
C SER B 63 -15.95 3.03 -4.70
N ALA B 64 -15.76 2.09 -3.79
CA ALA B 64 -15.69 2.32 -2.35
C ALA B 64 -17.01 2.81 -1.76
N ASN B 65 -18.11 2.74 -2.52
CA ASN B 65 -19.41 3.17 -2.02
C ASN B 65 -20.10 1.94 -1.42
N GLU B 66 -20.18 1.91 -0.09
CA GLU B 66 -20.71 0.75 0.62
C GLU B 66 -22.18 0.55 0.32
N GLU B 67 -22.92 1.65 0.25
CA GLU B 67 -24.34 1.57 -0.07
C GLU B 67 -24.57 0.96 -1.45
N ASP B 68 -23.81 1.41 -2.46
CA ASP B 68 -23.92 0.80 -3.79
C ASP B 68 -23.58 -0.68 -3.77
N ALA B 69 -22.47 -1.03 -3.10
CA ALA B 69 -22.08 -2.43 -3.07
C ALA B 69 -23.08 -3.28 -2.30
N ALA B 70 -23.55 -2.78 -1.16
CA ALA B 70 -24.56 -3.51 -0.38
C ALA B 70 -25.86 -3.65 -1.15
N ALA B 71 -26.27 -2.60 -1.86
CA ALA B 71 -27.48 -2.68 -2.67
C ALA B 71 -27.33 -3.70 -3.79
N LEU B 72 -26.17 -3.71 -4.44
CA LEU B 72 -25.96 -4.69 -5.51
C LEU B 72 -25.94 -6.10 -4.94
N ALA B 73 -25.33 -6.29 -3.77
CA ALA B 73 -25.32 -7.62 -3.17
C ALA B 73 -26.74 -8.10 -2.88
N LYS B 74 -27.62 -7.22 -2.38
CA LYS B 74 -29.01 -7.63 -2.14
C LYS B 74 -29.68 -8.05 -3.44
N LEU B 75 -29.40 -7.33 -4.52
CA LEU B 75 -30.00 -7.64 -5.81
C LEU B 75 -29.51 -9.00 -6.30
N VAL B 76 -28.19 -9.23 -6.23
CA VAL B 76 -27.62 -10.50 -6.69
C VAL B 76 -28.13 -11.65 -5.84
N LYS B 77 -28.24 -11.45 -4.53
CA LYS B 77 -28.73 -12.53 -3.67
C LYS B 77 -30.12 -12.97 -4.09
N GLU B 78 -30.95 -12.01 -4.48
CA GLU B 78 -32.32 -12.31 -4.89
C GLU B 78 -32.37 -12.99 -6.27
N LYS B 79 -31.62 -12.46 -7.24
CA LYS B 79 -31.71 -13.05 -8.58
C LYS B 79 -30.96 -14.37 -8.71
N ALA B 80 -29.79 -14.48 -8.08
CA ALA B 80 -28.89 -15.60 -8.33
C ALA B 80 -28.50 -16.38 -7.08
N GLY B 81 -28.50 -15.76 -5.90
CA GLY B 81 -28.16 -16.46 -4.68
C GLY B 81 -26.71 -16.80 -4.48
N LYS B 82 -25.82 -16.39 -5.38
CA LYS B 82 -24.40 -16.69 -5.23
C LYS B 82 -23.63 -15.80 -6.19
N VAL B 83 -22.33 -15.68 -5.95
CA VAL B 83 -21.39 -15.11 -6.90
C VAL B 83 -20.25 -16.11 -7.08
N ASP B 84 -19.95 -16.44 -8.34
CA ASP B 84 -18.87 -17.35 -8.65
C ASP B 84 -17.55 -16.62 -8.94
N PHE B 85 -17.63 -15.47 -9.61
CA PHE B 85 -16.44 -14.68 -9.97
C PHE B 85 -16.70 -13.24 -9.60
N LEU B 86 -15.87 -12.68 -8.73
CA LEU B 86 -15.90 -11.26 -8.43
C LEU B 86 -14.67 -10.66 -9.07
N LEU B 87 -14.87 -9.77 -10.05
CA LEU B 87 -13.77 -9.22 -10.83
C LEU B 87 -13.75 -7.72 -10.58
N ALA B 88 -12.72 -7.25 -9.88
CA ALA B 88 -12.60 -5.85 -9.50
C ALA B 88 -11.73 -5.15 -10.53
N ASN B 89 -12.35 -4.34 -11.39
CA ASN B 89 -11.65 -3.66 -12.45
C ASN B 89 -11.84 -2.15 -12.44
N ALA B 90 -12.56 -1.62 -11.47
CA ALA B 90 -12.70 -0.17 -11.44
C ALA B 90 -11.42 0.42 -10.90
N GLY B 91 -11.21 1.70 -11.17
CA GLY B 91 -10.02 2.31 -10.63
C GLY B 91 -9.86 3.72 -11.14
N VAL B 92 -8.81 4.36 -10.65
CA VAL B 92 -8.45 5.72 -11.02
C VAL B 92 -6.94 5.78 -11.20
N CYS B 93 -6.51 6.54 -12.19
CA CYS B 93 -5.10 6.72 -12.49
C CYS B 93 -4.94 8.13 -13.06
N GLU B 94 -4.76 9.09 -12.16
CA GLU B 94 -4.62 10.47 -12.59
C GLU B 94 -3.20 10.73 -13.06
N LEU B 95 -3.07 11.52 -14.12
CA LEU B 95 -1.80 11.77 -14.77
C LEU B 95 -1.02 12.88 -14.06
N ASN B 96 0.30 12.83 -14.23
CA ASN B 96 1.18 13.93 -13.84
C ASN B 96 1.09 14.24 -12.35
N LYS B 97 1.37 13.21 -11.54
CA LYS B 97 1.32 13.31 -10.08
C LYS B 97 2.67 12.96 -9.47
N PRO B 98 3.68 13.79 -9.65
N PRO B 98 3.69 13.80 -9.66
CA PRO B 98 4.99 13.49 -9.05
CA PRO B 98 4.99 13.51 -9.05
C PRO B 98 4.92 13.53 -7.54
C PRO B 98 4.90 13.51 -7.54
N VAL B 99 5.76 12.71 -6.91
CA VAL B 99 5.75 12.60 -5.45
C VAL B 99 6.01 13.95 -4.78
N LEU B 100 6.95 14.74 -5.30
CA LEU B 100 7.43 15.90 -4.54
C LEU B 100 6.33 16.91 -4.29
N SER B 101 5.41 17.07 -5.24
CA SER B 101 4.48 18.19 -5.24
C SER B 101 3.02 17.78 -5.13
N THR B 102 2.72 16.50 -5.10
CA THR B 102 1.32 16.07 -5.14
C THR B 102 0.74 16.03 -3.74
N PRO B 103 -0.42 16.64 -3.51
CA PRO B 103 -0.97 16.70 -2.16
C PRO B 103 -1.48 15.34 -1.68
N SER B 104 -1.53 15.22 -0.36
N SER B 104 -1.54 15.22 -0.36
CA SER B 104 -1.97 13.99 0.29
CA SER B 104 -1.96 13.96 0.26
C SER B 104 -3.34 13.54 -0.21
C SER B 104 -3.35 13.54 -0.17
N ALA B 105 -4.25 14.50 -0.44
CA ALA B 105 -5.61 14.14 -0.85
C ALA B 105 -5.62 13.31 -2.12
N THR B 106 -4.70 13.54 -3.04
CA THR B 106 -4.65 12.75 -4.26
C THR B 106 -4.24 11.32 -3.95
N PHE B 107 -3.29 11.13 -3.05
CA PHE B 107 -2.92 9.78 -2.62
C PHE B 107 -4.08 9.07 -1.93
N VAL B 108 -4.80 9.79 -1.06
CA VAL B 108 -5.98 9.21 -0.38
C VAL B 108 -7.03 8.82 -1.41
N ASP B 109 -7.27 9.68 -2.40
CA ASP B 109 -8.26 9.39 -3.43
C ASP B 109 -7.92 8.08 -4.16
N HIS B 110 -6.66 7.92 -4.55
CA HIS B 110 -6.27 6.70 -5.26
C HIS B 110 -6.37 5.48 -4.34
N PHE B 111 -6.01 5.64 -3.06
CA PHE B 111 -6.14 4.53 -2.12
C PHE B 111 -7.60 4.16 -1.92
N THR B 112 -8.48 5.16 -1.82
CA THR B 112 -9.89 4.88 -1.60
C THR B 112 -10.49 4.12 -2.77
N VAL B 113 -10.22 4.56 -3.99
CA VAL B 113 -10.79 3.91 -5.17
C VAL B 113 -10.12 2.57 -5.44
N ASN B 114 -8.79 2.56 -5.53
CA ASN B 114 -8.05 1.39 -6.00
C ASN B 114 -7.82 0.34 -4.93
N THR B 115 -7.82 0.72 -3.66
CA THR B 115 -7.58 -0.24 -2.59
C THR B 115 -8.84 -0.52 -1.79
N LEU B 116 -9.55 0.53 -1.37
CA LEU B 116 -10.77 0.32 -0.61
C LEU B 116 -11.96 -0.03 -1.49
N GLY B 117 -11.90 0.24 -2.80
CA GLY B 117 -12.93 -0.22 -3.70
C GLY B 117 -13.02 -1.74 -3.67
N PRO B 118 -11.90 -2.41 -3.97
CA PRO B 118 -11.90 -3.88 -3.87
C PRO B 118 -12.19 -4.39 -2.48
N LEU B 119 -11.70 -3.73 -1.42
CA LEU B 119 -12.02 -4.16 -0.06
C LEU B 119 -13.52 -4.14 0.18
N THR B 120 -14.18 -3.04 -0.20
CA THR B 120 -15.62 -2.91 0.01
C THR B 120 -16.38 -3.96 -0.78
N LEU B 121 -15.98 -4.20 -2.03
CA LEU B 121 -16.60 -5.25 -2.83
C LEU B 121 -16.47 -6.60 -2.13
N PHE B 122 -15.27 -6.93 -1.67
CA PHE B 122 -15.08 -8.21 -1.02
C PHE B 122 -15.91 -8.33 0.25
N GLN B 123 -15.92 -7.28 1.08
CA GLN B 123 -16.71 -7.31 2.31
C GLN B 123 -18.19 -7.54 2.03
N GLN B 124 -18.73 -6.84 1.04
CA GLN B 124 -20.16 -6.92 0.76
C GLN B 124 -20.56 -8.18 -0.01
N PHE B 125 -19.65 -8.77 -0.77
CA PHE B 125 -19.98 -9.95 -1.58
C PHE B 125 -19.44 -11.25 -0.98
N TYR B 126 -18.78 -11.19 0.19
CA TYR B 126 -18.16 -12.39 0.75
C TYR B 126 -19.18 -13.51 0.95
N SER B 127 -20.31 -13.19 1.57
N SER B 127 -20.33 -13.19 1.55
N SER B 127 -20.33 -13.17 1.56
CA SER B 127 -21.32 -14.22 1.82
CA SER B 127 -21.32 -14.22 1.83
CA SER B 127 -21.33 -14.21 1.82
C SER B 127 -21.77 -14.86 0.51
C SER B 127 -21.84 -14.85 0.54
C SER B 127 -21.83 -14.85 0.53
N LEU B 128 -22.00 -14.06 -0.52
CA LEU B 128 -22.40 -14.62 -1.81
C LEU B 128 -21.31 -15.49 -2.42
N LEU B 129 -20.03 -15.09 -2.27
CA LEU B 129 -18.94 -15.92 -2.78
C LEU B 129 -18.93 -17.28 -2.09
N THR B 130 -19.22 -17.31 -0.79
CA THR B 130 -19.19 -18.59 -0.09
C THR B 130 -20.31 -19.53 -0.52
N GLU B 131 -21.32 -19.03 -1.24
CA GLU B 131 -22.35 -19.89 -1.79
C GLU B 131 -21.93 -20.57 -3.10
N SER B 132 -20.81 -20.15 -3.69
CA SER B 132 -20.31 -20.75 -4.92
C SER B 132 -19.59 -22.04 -4.59
N SER B 133 -19.61 -22.97 -5.55
CA SER B 133 -18.83 -24.19 -5.42
C SER B 133 -17.34 -23.97 -5.68
N SER B 134 -16.96 -22.85 -6.28
CA SER B 134 -15.55 -22.53 -6.50
C SER B 134 -15.39 -21.03 -6.62
N PRO B 135 -15.43 -20.32 -5.50
CA PRO B 135 -15.42 -18.85 -5.56
C PRO B 135 -14.07 -18.32 -6.04
N ARG B 136 -14.12 -17.29 -6.88
CA ARG B 136 -12.90 -16.64 -7.37
C ARG B 136 -13.02 -15.13 -7.20
N PHE B 137 -11.93 -14.48 -6.83
CA PHE B 137 -11.87 -13.03 -6.68
C PHE B 137 -10.58 -12.56 -7.35
N PHE B 138 -10.70 -11.79 -8.42
CA PHE B 138 -9.54 -11.27 -9.15
C PHE B 138 -9.60 -9.76 -9.19
N VAL B 139 -8.45 -9.12 -8.94
CA VAL B 139 -8.30 -7.68 -9.04
C VAL B 139 -7.35 -7.41 -10.20
N THR B 140 -7.71 -6.48 -11.08
CA THR B 140 -6.80 -6.15 -12.17
C THR B 140 -5.81 -5.07 -11.73
N SER B 141 -4.60 -5.15 -12.25
N SER B 141 -4.60 -5.15 -12.27
CA SER B 141 -3.57 -4.16 -11.97
CA SER B 141 -3.57 -4.17 -11.97
C SER B 141 -2.68 -4.01 -13.20
C SER B 141 -2.66 -4.04 -13.18
N SER B 142 -1.72 -3.11 -13.11
CA SER B 142 -0.72 -2.97 -14.15
C SER B 142 0.64 -3.24 -13.53
N ALA B 143 1.66 -3.23 -14.38
CA ALA B 143 3.01 -3.46 -13.88
C ALA B 143 3.42 -2.41 -12.85
N GLY B 144 2.79 -1.23 -12.88
CA GLY B 144 3.14 -0.15 -11.97
C GLY B 144 2.91 -0.48 -10.51
N GLY B 145 2.09 -1.48 -10.21
CA GLY B 145 1.90 -1.88 -8.83
C GLY B 145 3.01 -2.74 -8.25
N SER B 146 3.94 -3.24 -9.09
CA SER B 146 5.06 -4.03 -8.62
C SER B 146 6.15 -3.12 -8.04
N THR B 147 6.39 -3.26 -6.74
CA THR B 147 7.48 -2.49 -6.14
C THR B 147 8.83 -2.96 -6.68
N THR B 148 8.98 -4.27 -6.93
CA THR B 148 10.21 -4.80 -7.49
C THR B 148 10.59 -4.09 -8.78
N TYR B 149 9.61 -3.79 -9.63
CA TYR B 149 9.91 -3.17 -10.92
C TYR B 149 10.23 -1.69 -10.84
N VAL B 150 9.94 -1.02 -9.72
CA VAL B 150 10.02 0.44 -9.71
C VAL B 150 11.43 0.93 -10.07
N SER B 151 12.47 0.35 -9.44
CA SER B 151 13.78 0.99 -9.56
C SER B 151 14.26 1.07 -11.00
N MET B 152 13.87 0.11 -11.84
N MET B 152 13.91 0.08 -11.83
CA MET B 152 14.38 0.12 -13.20
CA MET B 152 14.36 0.03 -13.22
C MET B 152 13.36 0.54 -14.26
C MET B 152 13.36 0.54 -14.24
N ALA B 153 12.08 0.68 -13.88
CA ALA B 153 11.04 1.05 -14.83
C ALA B 153 11.04 2.56 -15.09
N PRO B 154 10.55 3.00 -16.25
N PRO B 154 10.56 2.99 -16.26
CA PRO B 154 10.41 4.43 -16.49
CA PRO B 154 10.42 4.43 -16.49
C PRO B 154 9.45 5.05 -15.49
C PRO B 154 9.45 5.05 -15.50
N ASP B 155 9.77 6.27 -15.07
CA ASP B 155 8.96 6.99 -14.09
C ASP B 155 7.89 7.76 -14.87
N MET B 156 6.63 7.32 -14.76
CA MET B 156 5.51 7.96 -15.46
C MET B 156 4.80 9.03 -14.63
N ASP B 157 5.34 9.42 -13.47
CA ASP B 157 4.67 10.35 -12.56
C ASP B 157 3.29 9.84 -12.14
N LEU B 158 3.19 8.53 -11.86
CA LEU B 158 1.94 7.89 -11.45
C LEU B 158 2.05 7.31 -10.05
N ALA B 159 2.77 8.00 -9.16
CA ALA B 159 2.97 7.48 -7.81
C ALA B 159 1.67 7.21 -7.05
N PRO B 160 0.64 8.07 -7.08
CA PRO B 160 -0.58 7.72 -6.33
C PRO B 160 -1.21 6.43 -6.81
N TYR B 162 -1.19 6.21 -8.12
CA TYR B 162 -1.68 4.96 -8.67
C TYR B 162 -0.84 3.79 -8.19
N GLY B 163 0.48 3.87 -8.39
CA GLY B 163 1.34 2.74 -8.05
C GLY B 163 1.26 2.37 -6.58
N ILE B 164 1.25 3.37 -5.70
CA ILE B 164 1.16 3.12 -4.26
C ILE B 164 -0.14 2.41 -3.93
N SER B 165 -1.25 2.88 -4.52
CA SER B 165 -2.54 2.26 -4.25
C SER B 165 -2.61 0.82 -4.79
N LYS B 166 -1.93 0.53 -5.90
CA LYS B 166 -1.92 -0.83 -6.39
C LYS B 166 -1.01 -1.75 -5.59
N ALA B 167 0.14 -1.23 -5.12
CA ALA B 167 0.94 -2.01 -4.18
C ALA B 167 0.12 -2.34 -2.94
N ALA B 168 -0.71 -1.41 -2.48
CA ALA B 168 -1.55 -1.64 -1.32
C ALA B 168 -2.59 -2.71 -1.59
N VAL B 169 -3.28 -2.63 -2.74
CA VAL B 169 -4.31 -3.64 -3.04
C VAL B 169 -3.68 -5.01 -3.26
N ASN B 170 -2.47 -5.07 -3.83
CA ASN B 170 -1.80 -6.35 -3.97
C ASN B 170 -1.58 -7.00 -2.61
N HIS B 171 -1.15 -6.20 -1.63
CA HIS B 171 -1.01 -6.71 -0.27
C HIS B 171 -2.35 -7.18 0.30
N LEU B 172 -3.41 -6.42 0.09
CA LEU B 172 -4.72 -6.83 0.56
C LEU B 172 -5.14 -8.16 -0.07
N VAL B 173 -4.91 -8.32 -1.37
CA VAL B 173 -5.31 -9.56 -2.02
C VAL B 173 -4.51 -10.74 -1.48
N ALA B 174 -3.21 -10.54 -1.23
CA ALA B 174 -2.42 -11.62 -0.65
C ALA B 174 -2.97 -12.01 0.71
N HIS B 175 -3.35 -11.03 1.53
N HIS B 175 -3.38 -11.03 1.53
CA HIS B 175 -3.96 -11.32 2.82
CA HIS B 175 -3.96 -11.31 2.83
C HIS B 175 -5.24 -12.12 2.64
C HIS B 175 -5.28 -12.06 2.70
N ILE B 176 -6.10 -11.67 1.73
CA ILE B 176 -7.37 -12.37 1.50
C ILE B 176 -7.12 -13.81 1.05
N ALA B 177 -6.17 -14.01 0.15
CA ALA B 177 -5.86 -15.37 -0.29
C ALA B 177 -5.37 -16.22 0.88
N ARG B 178 -4.51 -15.67 1.73
CA ARG B 178 -3.97 -16.47 2.82
C ARG B 178 -5.09 -16.92 3.76
N LYS B 179 -6.00 -16.01 4.13
CA LYS B 179 -7.03 -16.35 5.10
C LYS B 179 -8.16 -17.12 4.46
N PHE B 180 -8.73 -16.61 3.37
CA PHE B 180 -9.92 -17.22 2.80
C PHE B 180 -9.66 -18.30 1.78
N GLY B 181 -8.46 -18.35 1.21
CA GLY B 181 -8.08 -19.55 0.49
C GLY B 181 -8.17 -20.76 1.40
N ALA B 182 -7.66 -20.65 2.62
CA ALA B 182 -7.70 -21.76 3.57
C ALA B 182 -9.10 -21.97 4.12
N LYS B 183 -9.81 -20.89 4.43
CA LYS B 183 -11.11 -21.03 5.09
C LYS B 183 -12.19 -21.51 4.12
N ASP B 184 -12.23 -20.94 2.92
CA ASP B 184 -13.33 -21.16 2.00
C ASP B 184 -12.93 -21.73 0.65
N GLY B 185 -11.65 -22.03 0.45
CA GLY B 185 -11.23 -22.46 -0.88
C GLY B 185 -11.24 -21.35 -1.90
N LEU B 186 -11.31 -20.09 -1.47
CA LEU B 186 -11.31 -18.98 -2.40
C LEU B 186 -10.01 -18.89 -3.17
N VAL B 187 -10.10 -18.64 -4.47
CA VAL B 187 -8.93 -18.28 -5.26
C VAL B 187 -8.97 -16.76 -5.40
N ALA B 188 -7.99 -16.09 -4.79
CA ALA B 188 -7.88 -14.64 -4.84
C ALA B 188 -6.52 -14.28 -5.42
N ALA B 189 -6.52 -13.47 -6.47
CA ALA B 189 -5.29 -13.16 -7.17
C ALA B 189 -5.41 -11.80 -7.84
N VAL B 190 -4.25 -11.27 -8.22
CA VAL B 190 -4.14 -10.03 -8.99
C VAL B 190 -3.68 -10.41 -10.39
N VAL B 191 -4.28 -9.79 -11.40
CA VAL B 191 -3.91 -10.07 -12.78
C VAL B 191 -3.54 -8.77 -13.48
N HIS B 192 -2.51 -8.84 -14.33
CA HIS B 192 -2.08 -7.74 -15.18
C HIS B 192 -2.59 -7.97 -16.60
N PRO B 193 -3.54 -7.16 -17.09
N PRO B 193 -3.53 -7.15 -17.09
CA PRO B 193 -4.07 -7.39 -18.44
CA PRO B 193 -4.07 -7.36 -18.44
C PRO B 193 -3.08 -7.08 -19.56
C PRO B 193 -3.09 -7.06 -19.56
N GLY B 194 -1.97 -6.42 -19.27
CA GLY B 194 -1.02 -6.07 -20.31
C GLY B 194 -1.25 -4.70 -20.90
N LEU B 195 -2.14 -3.91 -20.33
CA LEU B 195 -2.37 -2.55 -20.79
C LEU B 195 -1.48 -1.60 -20.01
N VAL B 196 -1.21 -0.44 -20.62
CA VAL B 196 -0.51 0.61 -19.89
C VAL B 196 -1.40 1.15 -18.77
N ALA B 197 -0.76 1.71 -17.75
CA ALA B 197 -1.51 2.21 -16.59
C ALA B 197 -2.57 3.22 -17.02
N THR B 198 -2.25 4.07 -18.00
CA THR B 198 -3.18 5.11 -18.44
C THR B 198 -4.31 4.57 -19.31
N ASP B 199 -4.23 3.30 -19.75
CA ASP B 199 -5.35 2.67 -20.44
C ASP B 199 -6.28 1.95 -19.48
N MET B 200 -5.82 1.68 -18.25
CA MET B 200 -6.57 0.87 -17.29
C MET B 200 -7.93 1.46 -16.95
N THR B 201 -8.09 2.78 -17.06
CA THR B 201 -9.33 3.44 -16.68
C THR B 201 -10.02 4.19 -17.82
N ARG B 202 -9.62 3.95 -19.07
CA ARG B 202 -10.28 4.65 -20.18
C ARG B 202 -11.62 3.99 -20.50
N PRO B 203 -12.69 4.77 -20.66
CA PRO B 203 -14.00 4.18 -20.95
C PRO B 203 -14.04 3.55 -22.34
N PHE B 204 -14.62 2.35 -22.40
CA PHE B 204 -14.91 1.64 -23.64
C PHE B 204 -13.71 1.65 -24.59
N LEU B 205 -12.70 0.87 -24.21
CA LEU B 205 -11.40 0.93 -24.86
C LEU B 205 -11.42 0.40 -26.29
N ILE B 221 -0.78 -5.29 -26.74
CA ILE B 221 -1.85 -6.26 -26.79
C ILE B 221 -3.20 -5.54 -26.80
N SER B 222 -4.13 -5.99 -27.64
CA SER B 222 -5.42 -5.32 -27.76
C SER B 222 -6.34 -5.73 -26.62
N PRO B 223 -7.38 -4.93 -26.34
CA PRO B 223 -8.36 -5.33 -25.32
C PRO B 223 -8.97 -6.71 -25.55
N ASP B 224 -9.35 -7.03 -26.79
CA ASP B 224 -9.93 -8.34 -27.04
C ASP B 224 -8.92 -9.47 -26.82
N GLU B 225 -7.66 -9.26 -27.20
CA GLU B 225 -6.64 -10.28 -26.95
C GLU B 225 -6.37 -10.43 -25.46
N SER B 226 -6.29 -9.29 -24.75
CA SER B 226 -6.09 -9.31 -23.31
C SER B 226 -7.26 -10.02 -22.61
N ALA B 227 -8.50 -9.70 -23.01
CA ALA B 227 -9.65 -10.36 -22.41
C ALA B 227 -9.61 -11.87 -22.65
N ALA B 228 -9.25 -12.30 -23.86
CA ALA B 228 -9.18 -13.74 -24.13
C ALA B 228 -8.13 -14.40 -23.25
N ALA B 229 -6.99 -13.73 -23.07
CA ALA B 229 -5.95 -14.25 -22.19
C ALA B 229 -6.42 -14.32 -20.74
N LEU B 230 -7.11 -13.28 -20.26
CA LEU B 230 -7.54 -13.26 -18.86
C LEU B 230 -8.59 -14.34 -18.60
N VAL B 231 -9.56 -14.52 -19.50
CA VAL B 231 -10.58 -15.53 -19.23
C VAL B 231 -9.96 -16.92 -19.18
N LYS B 232 -8.88 -17.14 -19.93
CA LYS B 232 -8.17 -18.41 -19.82
C LYS B 232 -7.65 -18.61 -18.40
N ILE B 233 -7.07 -17.56 -17.80
CA ILE B 233 -6.59 -17.65 -16.43
C ILE B 233 -7.76 -17.87 -15.46
N PHE B 234 -8.84 -17.09 -15.64
CA PHE B 234 -9.99 -17.21 -14.75
C PHE B 234 -10.60 -18.62 -14.80
N ASP B 235 -10.68 -19.19 -16.00
CA ASP B 235 -11.32 -20.50 -16.15
C ASP B 235 -10.47 -21.61 -15.52
N GLU B 236 -9.15 -21.52 -15.65
CA GLU B 236 -8.23 -22.56 -15.18
C GLU B 236 -7.81 -22.40 -13.74
N ALA B 237 -8.18 -21.29 -13.11
CA ALA B 237 -7.65 -20.96 -11.79
C ALA B 237 -7.95 -22.03 -10.77
N LYS B 238 -6.92 -22.44 -10.05
CA LYS B 238 -7.06 -23.34 -8.92
C LYS B 238 -6.27 -22.71 -7.77
N ARG B 239 -6.68 -23.00 -6.54
N ARG B 239 -6.67 -23.04 -6.54
CA ARG B 239 -6.02 -22.34 -5.42
CA ARG B 239 -6.07 -22.40 -5.39
C ARG B 239 -4.52 -22.62 -5.39
C ARG B 239 -4.56 -22.65 -5.32
N GLU B 240 -4.12 -23.88 -5.59
CA GLU B 240 -2.72 -24.21 -5.44
C GLU B 240 -1.80 -23.60 -6.51
N THR B 241 -2.35 -23.23 -7.67
N THR B 241 -2.34 -23.22 -7.67
CA THR B 241 -1.54 -22.68 -8.74
CA THR B 241 -1.50 -22.65 -8.72
C THR B 241 -1.74 -21.18 -8.96
C THR B 241 -1.75 -21.18 -9.00
N HIS B 242 -2.87 -20.63 -8.52
CA HIS B 242 -3.22 -19.24 -8.80
C HIS B 242 -3.46 -18.42 -7.55
N GLY B 243 -3.76 -19.06 -6.41
CA GLY B 243 -4.15 -18.34 -5.22
C GLY B 243 -3.01 -17.51 -4.67
N GLY B 244 -3.30 -16.26 -4.37
CA GLY B 244 -2.29 -15.39 -3.78
C GLY B 244 -1.19 -14.94 -4.72
N LYS B 245 -1.39 -15.06 -6.02
CA LYS B 245 -0.36 -14.74 -6.99
C LYS B 245 -0.67 -13.44 -7.72
N PHE B 246 0.38 -12.87 -8.32
CA PHE B 246 0.31 -11.71 -9.22
C PHE B 246 0.62 -12.27 -10.60
N LEU B 247 -0.40 -12.38 -11.44
CA LEU B 247 -0.30 -13.11 -12.69
C LEU B 247 -0.33 -12.14 -13.86
N SER B 248 0.57 -12.32 -14.82
CA SER B 248 0.46 -11.60 -16.06
C SER B 248 -0.54 -12.32 -16.97
N TYR B 249 -1.10 -11.58 -17.92
CA TYR B 249 -2.03 -12.17 -18.89
C TYR B 249 -1.43 -13.36 -19.63
N ASP B 250 -0.11 -13.46 -19.68
CA ASP B 250 0.58 -14.50 -20.43
C ASP B 250 0.86 -15.76 -19.62
N GLY B 251 0.38 -15.85 -18.39
CA GLY B 251 0.57 -17.03 -17.58
C GLY B 251 1.67 -16.90 -16.54
N THR B 252 2.65 -16.02 -16.77
CA THR B 252 3.79 -15.90 -15.88
C THR B 252 3.46 -15.04 -14.66
N GLU B 253 4.32 -15.13 -13.66
CA GLU B 253 4.14 -14.40 -12.41
C GLU B 253 4.94 -13.11 -12.46
N ILE B 254 4.41 -12.08 -11.82
CA ILE B 254 5.05 -10.78 -11.72
C ILE B 254 5.50 -10.60 -10.29
N PRO B 255 6.74 -10.17 -10.02
CA PRO B 255 7.16 -9.95 -8.62
C PRO B 255 6.36 -8.83 -7.99
N TRP B 256 6.23 -8.91 -6.68
CA TRP B 256 5.45 -7.92 -5.95
C TRP B 256 6.13 -6.56 -5.87
#